data_1YSA
#
_entry.id   1YSA
#
_cell.length_a   49.130
_cell.length_b   88.540
_cell.length_c   59.240
_cell.angle_alpha   90.00
_cell.angle_beta   90.00
_cell.angle_gamma   90.00
#
_symmetry.space_group_name_H-M   'P 21 21 21'
#
loop_
_entity.id
_entity.type
_entity.pdbx_description
1 polymer "DNA (5'-D(*TP*TP*CP*CP*TP*AP*TP*GP*AP*CP*TP*CP*AP*TP*CP*CP*A P*GP*TP*T)-3')"
2 polymer "DNA (5'-D(*AP*AP*AP*CP*TP*GP*GP*AP*TP*GP*AP*GP*TP*CP*AP*TP*A P*GP*GP*A)-3')"
3 polymer 'PROTEIN (GCN4)'
4 water water
#
loop_
_entity_poly.entity_id
_entity_poly.type
_entity_poly.pdbx_seq_one_letter_code
_entity_poly.pdbx_strand_id
1 'polydeoxyribonucleotide' (DT)(DT)(DC)(DC)(DT)(DA)(DT)(DG)(DA)(DC)(DT)(DC)(DA)(DT)(DC)(DC)(DA)(DG)(DT)(DT) A
2 'polydeoxyribonucleotide' (DA)(DA)(DA)(DC)(DT)(DG)(DG)(DA)(DT)(DG)(DA)(DG)(DT)(DC)(DA)(DT)(DA)(DG)(DG)(DA) B
3 'polypeptide(L)' MKDPAALKRARNTEAARRSRARKLQRMKQLEDKVEELLSKNYHLENEVARLKKLVGER C,D
#
# COMPACT_ATOMS: atom_id res chain seq x y z
N LYS C 2 -23.46 -22.21 27.76
CA LYS C 2 -22.27 -22.36 26.93
C LYS C 2 -21.54 -23.73 26.67
N ASP C 3 -21.84 -24.48 25.60
CA ASP C 3 -20.99 -25.63 25.26
C ASP C 3 -19.52 -25.11 25.11
N PRO C 4 -18.39 -25.83 25.26
CA PRO C 4 -17.11 -25.41 24.65
C PRO C 4 -17.16 -24.96 23.14
N ALA C 5 -18.00 -25.51 22.23
CA ALA C 5 -18.32 -24.88 20.92
C ALA C 5 -18.98 -23.48 20.97
N ALA C 6 -19.81 -23.27 21.98
CA ALA C 6 -20.47 -21.99 22.09
C ALA C 6 -19.40 -21.02 22.55
N LEU C 7 -18.73 -21.31 23.65
CA LEU C 7 -17.62 -20.54 24.20
C LEU C 7 -16.70 -20.23 23.05
N LYS C 8 -16.24 -21.30 22.42
CA LYS C 8 -15.30 -21.17 21.33
C LYS C 8 -15.80 -20.21 20.25
N ARG C 9 -17.05 -20.32 19.81
CA ARG C 9 -17.50 -19.48 18.70
C ARG C 9 -17.49 -17.97 19.03
N ALA C 10 -18.14 -17.52 20.09
CA ALA C 10 -18.07 -16.11 20.43
C ALA C 10 -16.66 -15.74 20.73
N ARG C 11 -15.78 -16.64 21.08
CA ARG C 11 -14.40 -16.18 21.09
C ARG C 11 -13.59 -16.10 19.78
N ASN C 12 -13.73 -17.06 18.84
CA ASN C 12 -13.16 -17.01 17.48
C ASN C 12 -13.64 -15.75 16.77
N THR C 13 -14.97 -15.56 16.81
CA THR C 13 -15.64 -14.38 16.27
C THR C 13 -14.90 -13.11 16.68
N GLU C 14 -14.51 -12.93 17.94
CA GLU C 14 -13.61 -11.81 18.28
C GLU C 14 -12.26 -11.94 17.64
N ALA C 15 -11.55 -13.05 17.55
CA ALA C 15 -10.25 -13.07 16.85
C ALA C 15 -10.33 -12.84 15.35
N ALA C 16 -11.50 -13.12 14.75
CA ALA C 16 -11.74 -12.73 13.38
C ALA C 16 -11.91 -11.22 13.34
N ARG C 17 -12.56 -10.61 14.34
CA ARG C 17 -12.65 -9.15 14.53
C ARG C 17 -11.34 -8.40 14.72
N ARG C 18 -10.53 -8.57 15.78
CA ARG C 18 -9.26 -7.86 15.99
C ARG C 18 -8.49 -7.96 14.73
N SER C 19 -8.48 -9.10 14.03
CA SER C 19 -7.91 -9.10 12.68
C SER C 19 -8.55 -8.26 11.61
N ARG C 20 -9.85 -8.01 11.44
CA ARG C 20 -10.30 -7.11 10.36
C ARG C 20 -9.77 -5.77 10.75
N ALA C 21 -9.91 -5.33 11.98
CA ALA C 21 -9.30 -4.07 12.45
C ALA C 21 -7.79 -3.71 12.19
N ARG C 22 -7.03 -4.81 12.38
CA ARG C 22 -5.59 -4.94 12.16
C ARG C 22 -5.32 -4.99 10.66
N LYS C 23 -6.09 -5.72 9.85
CA LYS C 23 -5.96 -5.65 8.39
C LYS C 23 -6.31 -4.30 7.76
N LEU C 24 -7.27 -3.58 8.32
CA LEU C 24 -7.55 -2.17 7.99
C LEU C 24 -6.31 -1.32 8.17
N GLN C 25 -5.69 -1.35 9.38
CA GLN C 25 -4.47 -0.57 9.62
C GLN C 25 -3.29 -0.88 8.72
N ARG C 26 -2.88 -2.15 8.57
CA ARG C 26 -1.91 -2.54 7.52
C ARG C 26 -2.13 -1.89 6.16
N MET C 27 -3.33 -1.68 5.60
CA MET C 27 -3.37 -0.88 4.36
C MET C 27 -3.37 0.65 4.53
N LYS C 28 -3.97 1.20 5.60
CA LYS C 28 -3.93 2.63 5.77
C LYS C 28 -2.54 3.11 5.91
N GLN C 29 -1.68 2.30 6.50
CA GLN C 29 -0.27 2.62 6.48
C GLN C 29 0.38 2.49 5.11
N LEU C 30 0.20 1.38 4.39
CA LEU C 30 0.76 1.23 3.05
C LEU C 30 0.25 2.34 2.12
N GLU C 31 -0.89 2.96 2.37
CA GLU C 31 -1.25 4.19 1.65
C GLU C 31 -0.30 5.36 1.98
N ASP C 32 0.04 5.56 3.28
CA ASP C 32 0.93 6.60 3.77
C ASP C 32 2.36 6.44 3.29
N LYS C 33 3.10 5.33 3.51
CA LYS C 33 4.41 5.07 2.88
C LYS C 33 4.28 5.40 1.40
N VAL C 34 3.22 5.07 0.60
CA VAL C 34 3.07 5.56 -0.79
C VAL C 34 2.88 7.07 -0.98
N GLU C 35 2.19 7.76 -0.06
CA GLU C 35 2.07 9.22 -0.03
C GLU C 35 3.44 9.91 0.10
N GLU C 36 4.09 9.71 1.27
CA GLU C 36 5.35 10.41 1.63
C GLU C 36 6.45 10.20 0.63
N LEU C 37 6.48 9.03 0.02
CA LEU C 37 7.45 8.75 -1.00
C LEU C 37 7.17 9.63 -2.19
N LEU C 38 5.93 9.88 -2.59
CA LEU C 38 5.74 10.89 -3.62
C LEU C 38 5.99 12.32 -3.16
N SER C 39 5.68 12.80 -1.95
CA SER C 39 6.18 14.11 -1.52
C SER C 39 7.71 14.20 -1.52
N LYS C 40 8.44 13.15 -1.09
CA LYS C 40 9.88 13.10 -1.13
C LYS C 40 10.17 13.12 -2.63
N ASN C 41 9.87 12.21 -3.61
CA ASN C 41 10.19 12.51 -5.03
C ASN C 41 9.80 13.92 -5.58
N TYR C 42 8.74 14.59 -5.11
CA TYR C 42 8.46 15.96 -5.52
C TYR C 42 9.60 16.86 -5.11
N HIS C 43 9.91 16.95 -3.81
CA HIS C 43 10.96 17.89 -3.30
C HIS C 43 12.38 17.53 -3.77
N LEU C 44 12.65 16.24 -3.82
CA LEU C 44 13.89 15.84 -4.41
C LEU C 44 14.03 16.18 -5.89
N GLU C 45 13.19 15.89 -6.90
CA GLU C 45 13.50 16.33 -8.26
C GLU C 45 13.49 17.88 -8.46
N ASN C 46 12.74 18.65 -7.65
CA ASN C 46 12.90 20.12 -7.64
C ASN C 46 14.30 20.44 -7.15
N GLU C 47 14.73 19.98 -5.98
CA GLU C 47 16.07 20.23 -5.48
C GLU C 47 17.13 19.99 -6.51
N VAL C 48 17.03 18.89 -7.27
CA VAL C 48 17.98 18.57 -8.32
C VAL C 48 17.73 19.67 -9.27
N ALA C 49 16.58 19.98 -9.87
CA ALA C 49 16.52 21.06 -10.89
C ALA C 49 17.11 22.42 -10.48
N ARG C 50 17.02 22.84 -9.19
CA ARG C 50 17.66 24.03 -8.60
C ARG C 50 19.16 23.85 -8.65
N LEU C 51 19.84 22.88 -8.00
CA LEU C 51 21.32 22.85 -8.07
C LEU C 51 21.82 22.54 -9.50
N LYS C 52 21.02 21.84 -10.28
CA LYS C 52 21.23 21.61 -11.70
C LYS C 52 21.45 22.94 -12.42
N LYS C 53 20.49 23.84 -12.22
CA LYS C 53 20.58 25.15 -12.88
C LYS C 53 21.95 25.85 -12.62
N LEU C 54 22.43 26.04 -11.39
CA LEU C 54 23.72 26.74 -11.19
C LEU C 54 25.00 25.93 -11.46
N VAL C 55 25.08 25.31 -12.67
CA VAL C 55 26.14 24.41 -13.24
C VAL C 55 25.79 23.86 -14.71
N GLY C 56 25.19 22.72 -15.16
CA GLY C 56 25.00 22.51 -16.62
C GLY C 56 23.66 21.86 -16.98
N GLU C 57 23.35 21.46 -18.22
CA GLU C 57 22.26 20.49 -18.35
C GLU C 57 23.00 19.26 -18.86
N ARG C 58 22.58 18.15 -18.28
CA ARG C 58 22.93 16.75 -18.61
C ARG C 58 21.63 16.12 -18.05
N MET D 1 -37.11 -29.73 -0.17
CA MET D 1 -36.23 -30.48 -1.09
C MET D 1 -35.08 -29.80 -1.92
N LYS D 2 -35.09 -28.49 -2.26
CA LYS D 2 -34.13 -27.89 -3.19
C LYS D 2 -33.42 -26.48 -3.09
N ASP D 3 -33.03 -25.97 -4.25
CA ASP D 3 -32.31 -24.74 -4.45
C ASP D 3 -33.04 -23.40 -4.71
N PRO D 4 -34.05 -22.82 -4.01
CA PRO D 4 -34.44 -21.40 -4.22
C PRO D 4 -33.17 -20.59 -3.89
N ALA D 5 -32.89 -20.75 -2.60
CA ALA D 5 -31.74 -20.20 -2.00
C ALA D 5 -30.46 -20.78 -2.55
N ALA D 6 -30.22 -22.02 -2.99
CA ALA D 6 -28.89 -22.26 -3.61
C ALA D 6 -28.48 -21.38 -4.81
N LEU D 7 -29.36 -20.62 -5.46
CA LEU D 7 -28.90 -19.62 -6.39
C LEU D 7 -28.43 -18.37 -5.63
N LYS D 8 -29.12 -17.84 -4.61
CA LYS D 8 -28.65 -16.65 -3.88
C LYS D 8 -27.27 -16.84 -3.27
N ARG D 9 -26.95 -17.97 -2.59
CA ARG D 9 -25.55 -18.21 -2.15
C ARG D 9 -24.56 -18.41 -3.34
N ALA D 10 -24.64 -19.33 -4.32
CA ALA D 10 -23.61 -19.50 -5.35
C ALA D 10 -23.27 -18.23 -6.13
N ARG D 11 -24.18 -17.25 -6.08
CA ARG D 11 -23.88 -15.90 -6.58
C ARG D 11 -23.25 -14.98 -5.50
N ASN D 12 -23.72 -14.88 -4.27
CA ASN D 12 -23.09 -14.06 -3.23
C ASN D 12 -21.64 -14.44 -3.07
N THR D 13 -21.42 -15.75 -2.91
CA THR D 13 -20.11 -16.43 -2.93
C THR D 13 -19.26 -16.10 -4.14
N GLU D 14 -19.76 -15.90 -5.38
CA GLU D 14 -18.90 -15.31 -6.39
C GLU D 14 -18.54 -13.88 -6.00
N ALA D 15 -19.56 -13.09 -5.65
CA ALA D 15 -19.30 -11.71 -5.26
C ALA D 15 -18.24 -11.72 -4.18
N ALA D 16 -18.29 -12.37 -2.99
CA ALA D 16 -17.16 -12.34 -2.07
C ALA D 16 -15.90 -12.81 -2.79
N ARG D 17 -15.77 -13.79 -3.70
CA ARG D 17 -14.50 -14.03 -4.38
C ARG D 17 -13.83 -12.83 -5.08
N ARG D 18 -14.81 -12.13 -5.69
CA ARG D 18 -14.58 -10.91 -6.46
C ARG D 18 -14.17 -9.75 -5.60
N SER D 19 -14.85 -9.46 -4.48
CA SER D 19 -14.60 -8.30 -3.64
C SER D 19 -13.24 -8.45 -3.04
N ARG D 20 -12.98 -9.70 -2.57
CA ARG D 20 -11.62 -10.11 -2.10
C ARG D 20 -10.55 -10.14 -3.23
N ALA D 21 -10.66 -10.48 -4.53
CA ALA D 21 -9.60 -10.20 -5.48
C ALA D 21 -9.32 -8.69 -5.47
N ARG D 22 -10.25 -7.75 -5.58
CA ARG D 22 -9.92 -6.32 -5.51
C ARG D 22 -8.99 -5.86 -4.39
N LYS D 23 -9.33 -6.16 -3.18
CA LYS D 23 -8.48 -5.78 -2.10
C LYS D 23 -7.07 -6.39 -2.32
N LEU D 24 -6.97 -7.62 -2.81
CA LEU D 24 -5.69 -8.28 -3.09
C LEU D 24 -4.92 -7.52 -4.08
N GLN D 25 -5.50 -7.14 -5.19
CA GLN D 25 -4.79 -6.31 -6.14
C GLN D 25 -4.57 -4.83 -5.75
N ARG D 26 -5.38 -4.09 -4.98
CA ARG D 26 -4.97 -2.72 -4.59
C ARG D 26 -3.74 -2.94 -3.72
N MET D 27 -3.74 -3.90 -2.77
CA MET D 27 -2.57 -4.17 -1.93
C MET D 27 -1.35 -4.49 -2.75
N LYS D 28 -1.30 -5.48 -3.62
CA LYS D 28 -0.04 -5.67 -4.34
C LYS D 28 0.23 -4.43 -5.18
N GLN D 29 -0.74 -3.77 -5.78
CA GLN D 29 -0.46 -2.56 -6.57
C GLN D 29 0.33 -1.46 -5.84
N LEU D 30 -0.06 -1.13 -4.61
CA LEU D 30 0.67 -0.11 -3.84
C LEU D 30 2.06 -0.51 -3.41
N GLU D 31 2.21 -1.70 -2.84
CA GLU D 31 3.53 -2.26 -2.53
C GLU D 31 4.59 -2.26 -3.68
N ASP D 32 4.16 -2.36 -4.94
CA ASP D 32 5.12 -2.32 -6.02
C ASP D 32 5.48 -0.86 -6.00
N LYS D 33 4.53 0.09 -6.06
CA LYS D 33 4.86 1.52 -6.01
C LYS D 33 5.74 1.87 -4.77
N VAL D 34 5.58 1.35 -3.54
CA VAL D 34 6.56 1.59 -2.48
C VAL D 34 7.93 1.14 -2.92
N GLU D 35 8.21 -0.08 -3.41
CA GLU D 35 9.52 -0.40 -4.03
C GLU D 35 9.92 0.59 -5.14
N GLU D 36 9.16 0.79 -6.22
CA GLU D 36 9.50 1.75 -7.30
C GLU D 36 9.96 3.14 -6.83
N LEU D 37 9.09 3.82 -6.08
CA LEU D 37 9.34 5.16 -5.58
C LEU D 37 10.61 5.20 -4.77
N LEU D 38 10.84 4.20 -3.96
CA LEU D 38 12.03 4.12 -3.12
C LEU D 38 13.30 4.21 -3.92
N SER D 39 13.13 3.49 -5.03
CA SER D 39 14.23 3.40 -5.95
C SER D 39 14.56 4.60 -6.73
N LYS D 40 13.53 5.28 -7.19
CA LYS D 40 13.77 6.56 -7.87
C LYS D 40 14.45 7.38 -6.79
N ASN D 41 13.86 7.61 -5.61
CA ASN D 41 14.45 8.60 -4.75
C ASN D 41 15.87 8.30 -4.30
N TYR D 42 16.42 7.09 -4.10
CA TYR D 42 17.88 7.03 -3.83
C TYR D 42 18.66 7.63 -5.00
N HIS D 43 18.26 7.41 -6.25
CA HIS D 43 19.08 7.89 -7.36
C HIS D 43 19.23 9.41 -7.39
N LEU D 44 18.10 10.00 -6.98
CA LEU D 44 17.95 11.44 -6.90
C LEU D 44 18.72 11.90 -5.69
N GLU D 45 18.55 11.34 -4.48
CA GLU D 45 19.48 11.70 -3.39
C GLU D 45 20.98 11.66 -3.84
N ASN D 46 21.51 10.61 -4.46
CA ASN D 46 22.87 10.59 -5.04
C ASN D 46 23.19 11.74 -5.99
N GLU D 47 22.29 12.04 -6.97
CA GLU D 47 22.46 13.16 -7.91
C GLU D 47 22.50 14.48 -7.14
N VAL D 48 21.74 14.57 -6.06
CA VAL D 48 21.81 15.78 -5.28
C VAL D 48 23.15 15.81 -4.54
N ALA D 49 23.73 14.70 -4.08
CA ALA D 49 25.05 14.81 -3.41
C ALA D 49 26.18 15.25 -4.34
N ARG D 50 26.05 14.68 -5.53
CA ARG D 50 26.95 15.00 -6.60
C ARG D 50 26.81 16.45 -6.99
N LEU D 51 25.68 16.98 -7.49
CA LEU D 51 25.61 18.40 -7.80
C LEU D 51 25.98 19.28 -6.62
N LYS D 52 25.69 19.01 -5.34
CA LYS D 52 26.22 19.81 -4.22
C LYS D 52 27.73 19.65 -3.92
N LYS D 53 28.41 18.69 -4.60
CA LYS D 53 29.90 18.54 -4.65
C LYS D 53 30.55 19.19 -5.89
N LEU D 54 29.85 19.13 -7.02
CA LEU D 54 30.28 19.89 -8.17
C LEU D 54 30.41 21.37 -7.77
N VAL D 55 29.29 21.88 -7.21
CA VAL D 55 29.14 23.26 -6.75
C VAL D 55 29.24 23.40 -5.21
N GLY D 56 28.09 23.20 -4.50
CA GLY D 56 27.91 23.35 -3.03
C GLY D 56 26.49 23.64 -2.39
N GLU D 57 26.58 23.23 -1.11
CA GLU D 57 25.56 23.13 -0.04
C GLU D 57 24.55 24.17 0.46
#